data_7DEV
#
_entry.id   7DEV
#
_cell.length_a   51.439
_cell.length_b   112.992
_cell.length_c   183.973
_cell.angle_alpha   90.000
_cell.angle_beta   90.000
_cell.angle_gamma   90.000
#
_symmetry.space_group_name_H-M   'I 2 2 2'
#
_entity_poly.entity_id   1
_entity_poly.type   'polypeptide(L)'
_entity_poly.pdbx_seq_one_letter_code
;GSFTSSGMEQIQMVKVLEKCQVTPPSDTTDVELSLPVTFFDIPWLHLNKMQSLLFYDFPYPRTHFLDTVIPNLKASLSLT
LKHYVPLSGNLLMPIKSGEMPKFQYSRDEGDSITLIVAESDQDFDYLKGHQLVDSNDLHGLFYVMPRVIRTMQDYKVIPL
VAVQVTVFPNRGIAVALTAHHSIADAKSFVMFINAWAYINKFGKDADLLSANLLPSFDRSIIKDLYGLEETFWNEMQDVL
EMFSRFGSKPPRFNKVRATYVLSLAEIQKLKNKVLNLRGSEPTIRVTTFTMTCGYVWTCMVKSKDDVVSEESSNDENELE
YFSFTADCRGLLTPPCPPNYFGNCLASCVAKATHKELVGDKGLLVAVAAIGEAIEKRLHNEKGVLADAKTWLSESNGIPS
KRFLGITGSPKFDSYGVDFGWGKPAKFDITSVDYAELIYVIQSRDFEKGVEIGVSLPKIHMDAFAKIFEEGFCSLS
;
_entity_poly.pdbx_strand_id   A
#
# COMPACT_ATOMS: atom_id res chain seq x y z
N GLN A 12 -11.94 -13.69 -17.95
CA GLN A 12 -12.38 -12.37 -17.49
C GLN A 12 -13.76 -11.99 -18.01
N MET A 13 -14.59 -11.46 -17.11
CA MET A 13 -15.93 -10.98 -17.44
C MET A 13 -16.06 -9.48 -17.30
N VAL A 14 -14.93 -8.79 -17.16
CA VAL A 14 -14.91 -7.34 -17.06
C VAL A 14 -14.85 -6.79 -18.48
N LYS A 15 -15.90 -6.09 -18.87
CA LYS A 15 -15.99 -5.39 -20.15
C LYS A 15 -15.77 -3.90 -19.89
N VAL A 16 -14.94 -3.26 -20.72
CA VAL A 16 -14.71 -1.82 -20.53
C VAL A 16 -15.74 -1.05 -21.33
N LEU A 17 -16.25 0.01 -20.72
CA LEU A 17 -17.28 0.85 -21.30
C LEU A 17 -16.73 2.14 -21.90
N GLU A 18 -15.73 2.70 -21.25
CA GLU A 18 -15.20 4.01 -21.62
C GLU A 18 -13.83 4.17 -21.00
N LYS A 19 -12.90 4.72 -21.76
CA LYS A 19 -11.62 5.16 -21.25
C LYS A 19 -11.56 6.67 -21.42
N CYS A 20 -11.20 7.38 -20.34
CA CYS A 20 -11.12 8.82 -20.45
C CYS A 20 -9.91 9.34 -19.67
N GLN A 21 -9.74 10.66 -19.74
CA GLN A 21 -8.64 11.41 -19.14
C GLN A 21 -9.20 12.44 -18.17
N VAL A 22 -8.70 12.44 -16.94
CA VAL A 22 -9.06 13.44 -15.94
C VAL A 22 -7.85 14.33 -15.71
N THR A 23 -8.03 15.63 -15.96
CA THR A 23 -7.05 16.69 -15.76
C THR A 23 -7.43 17.51 -14.53
N PRO A 24 -6.49 18.24 -13.95
CA PRO A 24 -6.85 19.21 -12.93
C PRO A 24 -7.63 20.34 -13.54
N PRO A 25 -8.23 21.21 -12.73
CA PRO A 25 -8.95 22.34 -13.31
C PRO A 25 -8.03 23.20 -14.16
N SER A 26 -8.55 23.64 -15.30
CA SER A 26 -7.85 24.60 -16.13
C SER A 26 -7.88 25.97 -15.49
N ASP A 27 -6.85 26.76 -15.74
CA ASP A 27 -6.77 28.18 -15.39
C ASP A 27 -6.80 28.43 -13.89
N THR A 28 -6.79 27.37 -13.09
CA THR A 28 -6.63 27.46 -11.65
C THR A 28 -5.53 26.53 -11.19
N THR A 29 -4.45 26.47 -11.97
CA THR A 29 -3.32 25.61 -11.71
C THR A 29 -2.12 26.25 -12.40
N ASP A 30 -0.94 25.72 -12.14
CA ASP A 30 0.25 26.13 -12.87
C ASP A 30 0.40 25.28 -14.13
N VAL A 31 0.95 25.88 -15.19
CA VAL A 31 1.22 25.12 -16.41
C VAL A 31 2.27 24.04 -16.16
N GLU A 32 3.09 24.19 -15.11
CA GLU A 32 4.17 23.25 -14.83
C GLU A 32 4.28 23.07 -13.33
N LEU A 33 4.75 21.90 -12.91
CA LEU A 33 5.12 21.64 -11.51
C LEU A 33 6.14 20.52 -11.49
N SER A 34 7.37 20.87 -11.14
CA SER A 34 8.47 19.94 -10.99
C SER A 34 8.66 19.65 -9.51
N LEU A 35 8.98 18.39 -9.20
CA LEU A 35 9.10 17.93 -7.82
C LEU A 35 10.31 17.01 -7.67
N PRO A 36 11.17 17.21 -6.67
CA PRO A 36 12.40 16.42 -6.61
C PRO A 36 12.12 15.02 -6.07
N VAL A 37 13.13 14.17 -6.15
CA VAL A 37 13.02 12.79 -5.70
C VAL A 37 13.91 12.65 -4.48
N THR A 38 13.32 12.74 -3.28
CA THR A 38 14.07 12.59 -2.03
C THR A 38 14.62 11.18 -1.89
N PHE A 39 15.64 11.03 -1.04
CA PHE A 39 16.24 9.71 -0.87
C PHE A 39 15.24 8.67 -0.33
N PHE A 40 14.12 9.10 0.27
CA PHE A 40 13.11 8.14 0.70
C PHE A 40 12.41 7.50 -0.50
N ASP A 41 12.22 8.27 -1.56
CA ASP A 41 11.50 7.75 -2.72
C ASP A 41 12.33 6.79 -3.55
N ILE A 42 13.64 6.78 -3.42
CA ILE A 42 14.50 6.07 -4.36
C ILE A 42 14.39 4.56 -4.22
N PRO A 43 14.31 4.00 -3.01
CA PRO A 43 14.12 2.53 -2.93
C PRO A 43 12.89 2.03 -3.65
N TRP A 44 11.86 2.86 -3.82
CA TRP A 44 10.58 2.44 -4.35
C TRP A 44 10.41 2.78 -5.83
N LEU A 45 11.48 3.04 -6.56
CA LEU A 45 11.32 3.54 -7.92
C LEU A 45 10.95 2.44 -8.89
N HIS A 46 11.39 1.20 -8.65
CA HIS A 46 11.11 0.08 -9.53
C HIS A 46 9.70 -0.51 -9.35
N LEU A 47 9.00 -0.13 -8.29
CA LEU A 47 7.68 -0.64 -8.00
C LEU A 47 6.63 0.30 -8.59
N ASN A 48 6.02 -0.10 -9.70
CA ASN A 48 5.04 0.72 -10.39
C ASN A 48 3.61 0.29 -10.09
N LYS A 49 3.39 -0.49 -9.05
CA LYS A 49 2.03 -0.89 -8.68
C LYS A 49 1.93 -0.86 -7.16
N MET A 50 1.13 0.07 -6.68
CA MET A 50 0.60 0.07 -5.34
C MET A 50 -0.90 0.09 -5.54
N GLN A 51 -1.47 -1.09 -5.74
CA GLN A 51 -2.90 -1.21 -5.99
C GLN A 51 -3.71 -0.99 -4.72
N SER A 52 -4.92 -0.46 -4.91
CA SER A 52 -5.88 -0.25 -3.81
C SER A 52 -7.28 -0.47 -4.37
N LEU A 53 -7.91 -1.60 -4.02
CA LEU A 53 -9.28 -1.92 -4.43
C LEU A 53 -10.26 -1.51 -3.34
N LEU A 54 -11.45 -1.08 -3.72
CA LEU A 54 -12.48 -0.70 -2.76
C LEU A 54 -13.83 -1.14 -3.32
N PHE A 55 -14.46 -2.13 -2.70
CA PHE A 55 -15.80 -2.54 -3.11
C PHE A 55 -16.84 -1.74 -2.37
N TYR A 56 -17.96 -1.46 -3.01
CA TYR A 56 -19.05 -0.73 -2.38
C TYR A 56 -20.37 -1.44 -2.63
N ASP A 57 -21.24 -1.45 -1.65
CA ASP A 57 -22.60 -1.87 -1.93
C ASP A 57 -23.29 -0.75 -2.68
N PHE A 58 -23.94 -1.10 -3.79
CA PHE A 58 -24.58 -0.12 -4.65
C PHE A 58 -25.80 -0.79 -5.25
N PRO A 59 -26.93 -0.70 -4.60
CA PRO A 59 -28.12 -1.43 -5.08
C PRO A 59 -28.92 -0.67 -6.11
N TYR A 60 -28.25 -0.04 -7.09
CA TYR A 60 -28.90 0.87 -8.00
C TYR A 60 -28.68 0.43 -9.46
N PRO A 61 -29.55 0.88 -10.38
CA PRO A 61 -29.45 0.44 -11.77
C PRO A 61 -28.18 0.97 -12.43
N ARG A 62 -27.60 0.13 -13.29
CA ARG A 62 -26.47 0.53 -14.13
C ARG A 62 -26.68 1.90 -14.77
N THR A 63 -27.93 2.24 -15.06
CA THR A 63 -28.21 3.56 -15.63
C THR A 63 -27.76 4.66 -14.69
N HIS A 64 -28.20 4.60 -13.42
CA HIS A 64 -27.79 5.60 -12.43
C HIS A 64 -26.28 5.70 -12.33
N PHE A 65 -25.60 4.56 -12.31
CA PHE A 65 -24.15 4.51 -12.33
C PHE A 65 -23.62 5.44 -13.42
N LEU A 66 -23.89 5.10 -14.68
CA LEU A 66 -23.35 5.87 -15.80
C LEU A 66 -23.90 7.29 -15.84
N ASP A 67 -25.22 7.45 -15.61
CA ASP A 67 -25.84 8.76 -15.71
C ASP A 67 -25.28 9.75 -14.68
N THR A 68 -25.22 9.34 -13.41
CA THR A 68 -24.87 10.22 -12.30
C THR A 68 -23.54 9.89 -11.64
N VAL A 69 -23.29 8.62 -11.34
CA VAL A 69 -22.12 8.27 -10.55
C VAL A 69 -20.83 8.60 -11.30
N ILE A 70 -20.67 8.13 -12.54
CA ILE A 70 -19.44 8.40 -13.28
C ILE A 70 -19.18 9.90 -13.44
N PRO A 71 -20.15 10.73 -13.88
CA PRO A 71 -19.90 12.17 -13.93
C PRO A 71 -19.37 12.78 -12.64
N ASN A 72 -20.02 12.48 -11.51
CA ASN A 72 -19.65 13.11 -10.25
C ASN A 72 -18.27 12.66 -9.77
N LEU A 73 -17.87 11.43 -10.10
CA LEU A 73 -16.51 11.01 -9.80
C LEU A 73 -15.51 11.68 -10.73
N LYS A 74 -15.77 11.60 -12.04
CA LYS A 74 -14.98 12.39 -12.97
C LYS A 74 -14.91 13.83 -12.50
N ALA A 75 -16.04 14.39 -12.06
CA ALA A 75 -16.08 15.77 -11.58
C ALA A 75 -15.22 15.95 -10.33
N SER A 76 -15.56 15.22 -9.26
CA SER A 76 -14.82 15.38 -8.02
C SER A 76 -13.34 15.09 -8.20
N LEU A 77 -12.99 14.13 -9.06
CA LEU A 77 -11.56 13.83 -9.21
C LEU A 77 -10.81 15.06 -9.68
N SER A 78 -11.38 15.77 -10.67
CA SER A 78 -10.76 16.98 -11.19
C SER A 78 -10.49 18.00 -10.07
N LEU A 79 -11.52 18.33 -9.29
CA LEU A 79 -11.36 19.28 -8.19
C LEU A 79 -10.25 18.85 -7.23
N THR A 80 -10.34 17.62 -6.71
CA THR A 80 -9.31 17.21 -5.76
C THR A 80 -7.93 17.13 -6.40
N LEU A 81 -7.86 17.09 -7.73
CA LEU A 81 -6.54 17.12 -8.35
C LEU A 81 -5.85 18.48 -8.21
N LYS A 82 -6.60 19.59 -8.06
CA LYS A 82 -5.94 20.88 -7.91
C LYS A 82 -5.17 20.99 -6.60
N HIS A 83 -5.48 20.13 -5.62
CA HIS A 83 -4.69 20.04 -4.41
C HIS A 83 -3.69 18.91 -4.45
N TYR A 84 -3.93 17.90 -5.29
CA TYR A 84 -3.00 16.80 -5.44
C TYR A 84 -2.39 16.81 -6.84
N VAL A 85 -1.79 17.93 -7.25
CA VAL A 85 -1.40 18.08 -8.65
C VAL A 85 -0.39 17.03 -9.10
N PRO A 86 0.70 16.78 -8.37
CA PRO A 86 1.69 15.81 -8.89
C PRO A 86 1.10 14.48 -9.35
N LEU A 87 -0.04 14.07 -8.77
CA LEU A 87 -0.67 12.80 -9.16
C LEU A 87 -1.23 12.84 -10.57
N SER A 88 -1.42 14.02 -11.13
CA SER A 88 -1.77 14.12 -12.54
C SER A 88 -0.55 14.10 -13.45
N GLY A 89 0.67 14.12 -12.92
CA GLY A 89 1.84 14.11 -13.76
C GLY A 89 2.41 12.73 -13.92
N ASN A 90 3.72 12.68 -14.15
CA ASN A 90 4.46 11.43 -14.33
C ASN A 90 5.74 11.45 -13.52
N LEU A 91 6.40 10.30 -13.51
CA LEU A 91 7.78 10.18 -13.06
C LEU A 91 8.68 10.26 -14.28
N LEU A 92 9.75 11.05 -14.18
CA LEU A 92 10.74 11.16 -15.25
C LEU A 92 12.01 10.41 -14.86
N MET A 93 12.25 9.25 -15.53
CA MET A 93 13.41 8.42 -15.19
C MET A 93 14.54 8.70 -16.16
N PRO A 94 15.74 8.98 -15.65
CA PRO A 94 16.86 9.38 -16.52
C PRO A 94 17.30 8.27 -17.47
N ILE A 95 17.58 8.66 -18.71
CA ILE A 95 18.14 7.73 -19.69
C ILE A 95 19.67 7.77 -19.70
N LYS A 96 20.27 8.88 -19.27
CA LYS A 96 21.70 9.04 -19.39
C LYS A 96 22.35 9.24 -18.03
N SER A 97 23.50 8.59 -17.84
CA SER A 97 24.29 8.74 -16.63
C SER A 97 24.46 10.21 -16.29
N GLY A 98 24.46 10.50 -14.99
CA GLY A 98 24.69 11.85 -14.49
C GLY A 98 23.45 12.72 -14.37
N GLU A 99 22.28 12.19 -14.74
CA GLU A 99 21.00 12.83 -14.49
C GLU A 99 20.25 12.04 -13.44
N MET A 100 19.32 12.71 -12.78
CA MET A 100 18.63 12.19 -11.60
C MET A 100 17.12 12.26 -11.84
N PRO A 101 16.36 11.34 -11.24
CA PRO A 101 14.91 11.30 -11.50
C PRO A 101 14.22 12.55 -10.99
N LYS A 102 13.00 12.74 -11.48
CA LYS A 102 12.16 13.81 -10.96
C LYS A 102 10.71 13.53 -11.34
N PHE A 103 9.82 14.25 -10.69
CA PHE A 103 8.40 14.29 -11.00
C PHE A 103 8.10 15.57 -11.76
N GLN A 104 7.08 15.51 -12.63
CA GLN A 104 6.73 16.63 -13.50
C GLN A 104 5.26 16.56 -13.90
N TYR A 105 4.54 17.66 -13.71
CA TYR A 105 3.21 17.84 -14.29
C TYR A 105 3.27 18.98 -15.28
N SER A 106 3.05 18.69 -16.56
CA SER A 106 2.98 19.74 -17.59
C SER A 106 1.55 19.82 -18.11
N ARG A 107 0.90 20.97 -17.90
CA ARG A 107 -0.43 21.11 -18.47
C ARG A 107 -0.36 21.26 -19.98
N ASP A 108 0.77 21.69 -20.52
CA ASP A 108 0.89 21.76 -21.97
C ASP A 108 1.14 20.38 -22.60
N GLU A 109 1.29 19.33 -21.80
CA GLU A 109 1.41 17.98 -22.32
C GLU A 109 0.13 17.19 -22.18
N GLY A 110 -0.94 17.84 -21.75
CA GLY A 110 -2.15 17.12 -21.42
C GLY A 110 -1.90 15.99 -20.43
N ASP A 111 -1.00 16.21 -19.48
CA ASP A 111 -0.80 15.24 -18.40
C ASP A 111 -2.11 15.07 -17.65
N SER A 112 -2.46 13.80 -17.34
CA SER A 112 -3.80 13.46 -16.80
C SER A 112 -4.00 12.00 -16.39
N ILE A 113 -4.76 11.75 -15.29
CA ILE A 113 -5.05 10.39 -14.85
C ILE A 113 -6.04 9.70 -15.79
N THR A 114 -5.75 8.45 -16.14
CA THR A 114 -6.63 7.64 -16.98
C THR A 114 -7.70 6.97 -16.14
N LEU A 115 -8.96 7.36 -16.34
CA LEU A 115 -10.08 6.69 -15.70
C LEU A 115 -10.65 5.65 -16.65
N ILE A 116 -10.96 4.47 -16.13
CA ILE A 116 -11.60 3.41 -16.92
C ILE A 116 -12.98 3.14 -16.33
N VAL A 117 -14.01 3.27 -17.15
CA VAL A 117 -15.37 2.95 -16.74
C VAL A 117 -15.66 1.54 -17.21
N ALA A 118 -15.86 0.63 -16.27
CA ALA A 118 -15.99 -0.78 -16.62
C ALA A 118 -17.29 -1.33 -16.06
N GLU A 119 -17.65 -2.48 -16.57
CA GLU A 119 -18.83 -3.21 -16.13
C GLU A 119 -18.44 -4.67 -15.99
N SER A 120 -18.80 -5.29 -14.87
CA SER A 120 -18.44 -6.69 -14.66
C SER A 120 -19.66 -7.50 -14.31
N ASP A 121 -19.61 -8.78 -14.70
CA ASP A 121 -20.74 -9.68 -14.58
C ASP A 121 -20.45 -10.81 -13.61
N GLN A 122 -19.52 -10.61 -12.68
CA GLN A 122 -19.21 -11.63 -11.70
C GLN A 122 -20.04 -11.43 -10.45
N ASP A 123 -19.95 -12.39 -9.55
CA ASP A 123 -20.67 -12.28 -8.28
C ASP A 123 -19.99 -11.22 -7.41
N PHE A 124 -20.72 -10.14 -7.11
CA PHE A 124 -20.15 -9.05 -6.32
C PHE A 124 -20.00 -9.43 -4.86
N ASP A 125 -20.99 -10.11 -4.28
CA ASP A 125 -20.87 -10.53 -2.89
C ASP A 125 -19.76 -11.54 -2.71
N TYR A 126 -19.38 -12.26 -3.77
CA TYR A 126 -18.24 -13.13 -3.70
C TYR A 126 -16.93 -12.34 -3.66
N LEU A 127 -16.76 -11.44 -4.65
CA LEU A 127 -15.54 -10.63 -4.76
C LEU A 127 -15.26 -9.77 -3.53
N LYS A 128 -16.25 -9.46 -2.69
CA LYS A 128 -15.97 -8.65 -1.51
C LYS A 128 -15.80 -9.47 -0.24
N GLY A 129 -16.19 -10.75 -0.23
CA GLY A 129 -16.22 -11.51 1.01
C GLY A 129 -14.85 -11.75 1.64
N HIS A 130 -14.89 -12.15 2.92
CA HIS A 130 -13.67 -12.51 3.66
C HIS A 130 -13.23 -13.95 3.44
N GLN A 131 -14.16 -14.83 3.05
CA GLN A 131 -13.79 -16.20 2.71
C GLN A 131 -12.91 -16.18 1.47
N LEU A 132 -12.21 -17.30 1.24
CA LEU A 132 -11.35 -17.49 0.07
C LEU A 132 -11.86 -16.83 -1.22
N VAL A 133 -11.04 -15.96 -1.80
CA VAL A 133 -11.36 -15.27 -3.06
C VAL A 133 -10.16 -15.40 -4.00
N ASP A 134 -10.40 -15.94 -5.19
CA ASP A 134 -9.35 -16.04 -6.21
C ASP A 134 -8.69 -14.68 -6.41
N SER A 135 -7.39 -14.63 -6.19
CA SER A 135 -6.71 -13.33 -6.28
C SER A 135 -6.77 -12.75 -7.68
N ASN A 136 -6.82 -13.60 -8.71
CA ASN A 136 -6.82 -13.11 -10.09
C ASN A 136 -8.08 -12.30 -10.37
N ASP A 137 -9.24 -12.81 -9.99
CA ASP A 137 -10.49 -12.07 -10.14
C ASP A 137 -10.34 -10.63 -9.66
N LEU A 138 -9.55 -10.42 -8.61
CA LEU A 138 -9.33 -9.08 -8.07
C LEU A 138 -8.40 -8.23 -8.93
N HIS A 139 -7.24 -8.78 -9.32
CA HIS A 139 -6.37 -8.05 -10.23
C HIS A 139 -7.05 -7.76 -11.55
N GLY A 140 -8.08 -8.52 -11.89
CA GLY A 140 -8.74 -8.24 -13.13
C GLY A 140 -9.51 -6.95 -13.14
N LEU A 141 -9.75 -6.35 -11.98
CA LEU A 141 -10.57 -5.15 -11.91
C LEU A 141 -9.75 -3.86 -12.00
N PHE A 142 -8.45 -3.97 -12.26
CA PHE A 142 -7.51 -2.85 -12.27
C PHE A 142 -7.06 -2.59 -13.69
N TYR A 143 -6.85 -1.33 -14.02
CA TYR A 143 -6.32 -0.93 -15.32
C TYR A 143 -4.81 -1.11 -15.38
N VAL A 144 -4.33 -1.64 -16.50
CA VAL A 144 -2.90 -1.86 -16.73
C VAL A 144 -2.28 -0.56 -17.26
N MET A 145 -1.60 0.22 -16.39
CA MET A 145 -0.98 1.46 -16.84
C MET A 145 0.21 1.14 -17.74
N PRO A 146 0.51 2.00 -18.72
CA PRO A 146 1.65 1.74 -19.59
C PRO A 146 2.96 1.90 -18.85
N ARG A 147 4.00 1.22 -19.34
CA ARG A 147 5.31 1.36 -18.72
C ARG A 147 5.88 2.76 -18.94
N VAL A 148 5.88 3.23 -20.19
CA VAL A 148 6.39 4.54 -20.56
C VAL A 148 5.42 5.18 -21.52
N ILE A 149 4.79 6.29 -21.13
CA ILE A 149 3.85 6.91 -22.06
C ILE A 149 4.54 7.72 -23.17
N ARG A 150 5.77 8.19 -22.98
CA ARG A 150 6.48 8.88 -24.05
C ARG A 150 7.94 9.06 -23.64
N THR A 151 8.83 9.21 -24.61
CA THR A 151 10.24 9.39 -24.30
C THR A 151 10.66 10.79 -24.71
N MET A 152 11.10 11.58 -23.75
CA MET A 152 11.67 12.88 -24.09
C MET A 152 13.11 12.70 -24.55
N GLN A 153 13.98 13.63 -24.20
CA GLN A 153 15.37 13.51 -24.60
C GLN A 153 16.31 13.24 -23.44
N ASP A 154 15.93 13.63 -22.23
CA ASP A 154 16.66 13.28 -21.00
C ASP A 154 16.06 12.10 -20.24
N TYR A 155 14.73 12.00 -20.17
CA TYR A 155 14.11 10.96 -19.37
C TYR A 155 12.89 10.39 -20.09
N LYS A 156 12.57 9.14 -19.72
CA LYS A 156 11.28 8.51 -19.99
C LYS A 156 10.21 9.05 -19.05
N VAL A 157 8.97 8.92 -19.48
CA VAL A 157 7.82 9.52 -18.81
C VAL A 157 6.91 8.37 -18.37
N ILE A 158 6.79 8.17 -17.07
CA ILE A 158 6.16 6.98 -16.49
C ILE A 158 4.95 7.41 -15.68
N PRO A 159 3.77 6.84 -15.93
CA PRO A 159 2.55 7.38 -15.35
C PRO A 159 2.44 7.03 -13.88
N LEU A 160 1.71 7.86 -13.15
CA LEU A 160 1.68 7.79 -11.71
C LEU A 160 0.40 7.18 -11.15
N VAL A 161 -0.74 7.54 -11.69
CA VAL A 161 -2.01 7.07 -11.14
C VAL A 161 -2.96 6.75 -12.28
N ALA A 162 -3.68 5.63 -12.14
CA ALA A 162 -4.90 5.37 -12.91
C ALA A 162 -5.94 4.76 -11.97
N VAL A 163 -7.21 5.03 -12.24
CA VAL A 163 -8.32 4.44 -11.49
C VAL A 163 -9.21 3.68 -12.48
N GLN A 164 -9.77 2.55 -12.03
CA GLN A 164 -10.76 1.81 -12.82
C GLN A 164 -12.02 1.66 -11.99
N VAL A 165 -13.05 2.45 -12.31
CA VAL A 165 -14.35 2.28 -11.68
C VAL A 165 -15.09 1.18 -12.41
N THR A 166 -15.64 0.22 -11.67
CA THR A 166 -16.25 -0.96 -12.27
C THR A 166 -17.57 -1.26 -11.59
N VAL A 167 -18.65 -1.39 -12.40
CA VAL A 167 -20.03 -1.58 -11.90
C VAL A 167 -20.42 -3.04 -12.00
N PHE A 168 -21.11 -3.50 -10.97
CA PHE A 168 -21.75 -4.82 -10.94
C PHE A 168 -23.25 -4.53 -10.88
N PRO A 169 -23.96 -4.64 -12.00
CA PRO A 169 -25.26 -3.98 -12.12
C PRO A 169 -26.27 -4.45 -11.08
N ASN A 170 -26.77 -3.49 -10.30
CA ASN A 170 -27.72 -3.67 -9.21
C ASN A 170 -27.07 -4.27 -7.98
N ARG A 171 -25.75 -4.46 -7.98
CA ARG A 171 -25.04 -5.05 -6.85
C ARG A 171 -24.13 -4.03 -6.20
N GLY A 172 -23.09 -3.56 -6.88
CA GLY A 172 -22.15 -2.65 -6.26
C GLY A 172 -21.17 -2.03 -7.24
N ILE A 173 -20.25 -1.24 -6.69
CA ILE A 173 -19.22 -0.54 -7.45
C ILE A 173 -17.86 -0.95 -6.90
N ALA A 174 -16.86 -1.05 -7.78
CA ALA A 174 -15.51 -1.33 -7.32
C ALA A 174 -14.57 -0.29 -7.91
N VAL A 175 -13.98 0.49 -7.02
CA VAL A 175 -13.02 1.54 -7.35
C VAL A 175 -11.64 0.95 -7.22
N ALA A 176 -10.88 0.88 -8.31
CA ALA A 176 -9.59 0.21 -8.29
C ALA A 176 -8.50 1.17 -8.76
N LEU A 177 -7.65 1.62 -7.84
CA LEU A 177 -6.59 2.60 -8.09
C LEU A 177 -5.26 1.88 -8.26
N THR A 178 -4.32 2.56 -8.91
CA THR A 178 -2.99 2.01 -9.17
C THR A 178 -2.05 3.18 -9.13
N ALA A 179 -1.19 3.25 -8.13
CA ALA A 179 -0.23 4.35 -8.06
C ALA A 179 1.19 3.80 -8.17
N HIS A 180 2.03 4.53 -8.89
CA HIS A 180 3.46 4.23 -8.87
C HIS A 180 3.96 4.46 -7.45
N HIS A 181 4.72 3.50 -6.91
CA HIS A 181 5.12 3.63 -5.52
C HIS A 181 6.09 4.77 -5.31
N SER A 182 6.65 5.34 -6.39
CA SER A 182 7.55 6.46 -6.24
C SER A 182 6.84 7.69 -5.68
N ILE A 183 5.55 7.86 -5.99
CA ILE A 183 4.90 9.13 -5.71
C ILE A 183 4.18 9.18 -4.36
N ALA A 184 3.91 8.04 -3.73
CA ALA A 184 3.20 8.05 -2.45
C ALA A 184 3.36 6.73 -1.74
N ASP A 185 3.49 6.80 -0.43
CA ASP A 185 3.52 5.62 0.42
C ASP A 185 2.09 5.29 0.84
N ALA A 186 1.93 4.28 1.70
CA ALA A 186 0.58 3.85 2.09
C ALA A 186 -0.21 4.97 2.74
N LYS A 187 0.42 5.71 3.67
CA LYS A 187 -0.27 6.80 4.36
C LYS A 187 -0.74 7.87 3.38
N SER A 188 0.18 8.31 2.51
CA SER A 188 -0.12 9.41 1.61
C SER A 188 -1.18 9.01 0.60
N PHE A 189 -1.10 7.79 0.04
CA PHE A 189 -2.05 7.42 -0.99
C PHE A 189 -3.46 7.31 -0.44
N VAL A 190 -3.60 6.90 0.81
CA VAL A 190 -4.93 6.82 1.41
C VAL A 190 -5.49 8.21 1.70
N MET A 191 -4.63 9.17 2.04
CA MET A 191 -5.11 10.54 2.17
C MET A 191 -5.77 11.01 0.88
N PHE A 192 -5.09 10.79 -0.26
CA PHE A 192 -5.61 11.20 -1.55
C PHE A 192 -6.97 10.57 -1.83
N ILE A 193 -7.06 9.23 -1.71
CA ILE A 193 -8.34 8.53 -1.93
C ILE A 193 -9.42 9.11 -1.04
N ASN A 194 -9.06 9.49 0.19
CA ASN A 194 -10.04 10.03 1.11
C ASN A 194 -10.42 11.47 0.83
N ALA A 195 -9.53 12.26 0.24
CA ALA A 195 -9.94 13.58 -0.23
C ALA A 195 -10.85 13.44 -1.45
N TRP A 196 -10.48 12.58 -2.39
CA TRP A 196 -11.32 12.36 -3.57
C TRP A 196 -12.72 11.94 -3.14
N ALA A 197 -12.81 10.97 -2.22
CA ALA A 197 -14.12 10.57 -1.72
C ALA A 197 -14.82 11.74 -1.03
N TYR A 198 -14.08 12.51 -0.23
CA TYR A 198 -14.68 13.58 0.56
C TYR A 198 -15.29 14.65 -0.33
N ILE A 199 -14.56 15.07 -1.36
CA ILE A 199 -15.07 16.17 -2.17
C ILE A 199 -16.26 15.71 -3.00
N ASN A 200 -16.26 14.43 -3.40
CA ASN A 200 -17.42 13.86 -4.09
C ASN A 200 -18.63 13.80 -3.18
N LYS A 201 -18.42 13.41 -1.92
CA LYS A 201 -19.55 13.24 -1.00
C LYS A 201 -20.19 14.56 -0.63
N PHE A 202 -19.37 15.56 -0.28
CA PHE A 202 -19.87 16.86 0.18
C PHE A 202 -19.91 17.91 -0.92
N GLY A 203 -18.89 18.03 -1.74
CA GLY A 203 -19.04 18.92 -2.88
C GLY A 203 -17.91 19.88 -3.05
N LYS A 204 -17.95 20.73 -4.09
CA LYS A 204 -16.81 21.57 -4.42
C LYS A 204 -16.40 22.44 -3.24
N ASP A 205 -17.37 22.85 -2.42
CA ASP A 205 -17.08 23.62 -1.21
C ASP A 205 -16.80 22.69 -0.04
N ALA A 206 -15.89 21.74 -0.25
CA ALA A 206 -15.51 20.78 0.78
C ALA A 206 -14.21 21.23 1.41
N ASP A 207 -14.17 21.27 2.73
CA ASP A 207 -12.96 21.71 3.43
C ASP A 207 -12.09 20.47 3.65
N LEU A 208 -11.09 20.29 2.77
CA LEU A 208 -10.09 19.25 2.93
C LEU A 208 -9.06 19.60 4.00
N LEU A 209 -8.82 20.89 4.24
CA LEU A 209 -7.93 21.29 5.33
C LEU A 209 -8.49 20.85 6.68
N SER A 210 -9.68 21.33 7.01
CA SER A 210 -10.37 20.92 8.22
C SER A 210 -10.44 19.40 8.38
N ALA A 211 -10.51 18.67 7.28
CA ALA A 211 -10.60 17.22 7.32
C ALA A 211 -9.25 16.54 7.39
N ASN A 212 -8.17 17.30 7.46
CA ASN A 212 -6.81 16.76 7.49
C ASN A 212 -6.50 15.92 6.24
N LEU A 213 -7.15 16.25 5.12
CA LEU A 213 -6.93 15.61 3.83
C LEU A 213 -6.23 16.54 2.83
N LEU A 214 -5.58 17.59 3.35
CA LEU A 214 -4.83 18.56 2.57
C LEU A 214 -3.35 18.22 2.57
N PRO A 215 -2.78 17.84 1.42
CA PRO A 215 -1.38 17.36 1.39
C PRO A 215 -0.36 18.49 1.64
N SER A 216 0.92 18.12 1.70
CA SER A 216 2.04 19.05 1.64
C SER A 216 3.05 18.45 0.67
N PHE A 217 3.40 19.21 -0.39
CA PHE A 217 4.42 18.81 -1.35
C PHE A 217 5.73 19.57 -1.20
N ASP A 218 5.78 20.54 -0.28
CA ASP A 218 7.07 21.17 0.05
C ASP A 218 8.05 20.15 0.62
N ARG A 219 9.14 19.95 -0.12
CA ARG A 219 10.26 19.09 0.24
C ARG A 219 11.52 19.91 0.47
N SER A 220 11.40 21.23 0.56
CA SER A 220 12.55 22.02 0.96
C SER A 220 12.99 21.65 2.37
N ILE A 221 12.05 21.16 3.20
CA ILE A 221 12.37 20.73 4.55
C ILE A 221 12.82 19.29 4.62
N ILE A 222 12.90 18.59 3.49
CA ILE A 222 13.45 17.24 3.46
C ILE A 222 14.93 17.40 3.09
N LYS A 223 15.81 17.05 4.02
CA LYS A 223 17.24 17.29 3.83
C LYS A 223 18.02 15.99 3.91
N ASP A 224 18.95 15.81 2.98
CA ASP A 224 19.71 14.57 2.82
C ASP A 224 21.09 14.74 3.47
N LEU A 225 21.08 14.80 4.80
CA LEU A 225 22.28 15.14 5.55
C LEU A 225 23.30 14.00 5.61
N TYR A 226 22.89 12.74 5.40
CA TYR A 226 23.79 11.60 5.40
C TYR A 226 24.20 11.16 3.99
N GLY A 227 23.89 11.95 2.97
CA GLY A 227 24.18 11.55 1.60
C GLY A 227 23.51 10.26 1.18
N LEU A 228 22.28 10.02 1.65
CA LEU A 228 21.58 8.79 1.28
C LEU A 228 21.19 8.79 -0.19
N GLU A 229 20.93 9.97 -0.76
CA GLU A 229 20.49 10.05 -2.15
C GLU A 229 21.54 9.46 -3.10
N GLU A 230 22.81 9.83 -2.93
CA GLU A 230 23.84 9.31 -3.82
C GLU A 230 24.01 7.80 -3.67
N THR A 231 24.08 7.33 -2.42
CA THR A 231 24.24 5.90 -2.15
C THR A 231 23.06 5.08 -2.65
N PHE A 232 21.83 5.56 -2.42
CA PHE A 232 20.65 4.80 -2.79
C PHE A 232 20.50 4.68 -4.30
N TRP A 233 20.78 5.76 -5.03
CA TRP A 233 20.73 5.70 -6.48
C TRP A 233 21.63 4.60 -7.03
N ASN A 234 22.86 4.47 -6.52
CA ASN A 234 23.79 3.56 -7.17
C ASN A 234 23.47 2.10 -6.87
N GLU A 235 22.99 1.80 -5.65
CA GLU A 235 22.58 0.44 -5.36
C GLU A 235 21.34 0.06 -6.18
N MET A 236 20.43 1.02 -6.37
CA MET A 236 19.21 0.74 -7.11
C MET A 236 19.45 0.50 -8.60
N GLN A 237 20.54 1.06 -9.16
CA GLN A 237 20.82 0.98 -10.59
C GLN A 237 20.63 -0.44 -11.11
N ASP A 238 21.21 -1.42 -10.41
CA ASP A 238 21.08 -2.83 -10.80
C ASP A 238 19.62 -3.26 -10.79
N VAL A 239 18.89 -2.92 -9.72
CA VAL A 239 17.50 -3.33 -9.61
C VAL A 239 16.67 -2.70 -10.72
N LEU A 240 16.79 -1.39 -10.94
CA LEU A 240 15.93 -0.73 -11.91
C LEU A 240 16.07 -1.33 -13.31
N GLU A 241 17.27 -1.77 -13.70
CA GLU A 241 17.41 -2.39 -15.02
C GLU A 241 16.66 -3.71 -15.08
N MET A 242 16.84 -4.56 -14.08
CA MET A 242 16.23 -5.90 -14.11
C MET A 242 14.71 -5.83 -14.09
N PHE A 243 14.16 -5.01 -13.17
CA PHE A 243 12.72 -4.95 -12.89
C PHE A 243 11.96 -4.05 -13.86
N SER A 244 12.66 -3.25 -14.65
CA SER A 244 12.04 -2.35 -15.62
C SER A 244 11.54 -3.08 -16.87
N ARG A 245 12.02 -4.29 -17.11
CA ARG A 245 11.67 -5.01 -18.32
C ARG A 245 10.56 -6.01 -18.09
N PHE A 246 9.71 -5.74 -17.09
CA PHE A 246 8.55 -6.55 -16.77
C PHE A 246 7.33 -5.88 -17.39
N GLY A 247 6.75 -6.53 -18.41
CA GLY A 247 5.50 -6.03 -18.98
C GLY A 247 4.42 -5.91 -17.92
N SER A 248 3.58 -4.89 -18.04
CA SER A 248 2.77 -4.44 -16.91
C SER A 248 1.60 -5.37 -16.58
N LYS A 249 1.26 -6.32 -17.46
CA LYS A 249 0.12 -7.20 -17.23
C LYS A 249 0.29 -8.02 -15.96
N PRO A 250 -0.80 -8.26 -15.21
CA PRO A 250 -0.69 -9.08 -14.00
C PRO A 250 -0.50 -10.53 -14.35
N PRO A 251 0.57 -11.17 -13.86
CA PRO A 251 0.74 -12.60 -14.14
C PRO A 251 -0.39 -13.41 -13.53
N ARG A 252 -0.55 -14.63 -14.01
CA ARG A 252 -1.55 -15.52 -13.44
C ARG A 252 -1.10 -15.97 -12.05
N PHE A 253 -1.73 -15.43 -11.02
CA PHE A 253 -1.36 -15.75 -9.66
C PHE A 253 -1.90 -17.12 -9.28
N ASN A 254 -1.00 -17.99 -8.82
CA ASN A 254 -1.37 -19.22 -8.13
C ASN A 254 -1.60 -18.99 -6.65
N LYS A 255 -2.32 -17.92 -6.29
CA LYS A 255 -2.52 -17.55 -4.90
C LYS A 255 -3.97 -17.11 -4.70
N VAL A 256 -4.56 -17.52 -3.59
CA VAL A 256 -5.92 -17.13 -3.27
C VAL A 256 -5.87 -16.08 -2.18
N ARG A 257 -6.98 -15.39 -1.99
CA ARG A 257 -7.03 -14.39 -0.93
C ARG A 257 -8.02 -14.82 0.14
N ALA A 258 -7.65 -14.56 1.40
CA ALA A 258 -8.52 -14.73 2.55
C ALA A 258 -8.31 -13.57 3.51
N THR A 259 -9.35 -13.24 4.27
CA THR A 259 -9.37 -12.07 5.13
C THR A 259 -9.72 -12.47 6.55
N TYR A 260 -8.93 -11.98 7.53
CA TYR A 260 -9.04 -12.35 8.94
C TYR A 260 -9.29 -11.12 9.77
N VAL A 261 -10.08 -11.24 10.83
CA VAL A 261 -10.49 -10.08 11.60
C VAL A 261 -10.18 -10.33 13.07
N LEU A 262 -9.40 -9.44 13.68
CA LEU A 262 -9.13 -9.49 15.12
C LEU A 262 -9.83 -8.32 15.79
N SER A 263 -10.57 -8.61 16.86
CA SER A 263 -11.06 -7.54 17.71
C SER A 263 -9.92 -6.95 18.52
N LEU A 264 -10.19 -5.79 19.12
CA LEU A 264 -9.24 -5.30 20.10
C LEU A 264 -9.15 -6.29 21.26
N ALA A 265 -10.27 -6.93 21.62
CA ALA A 265 -10.25 -7.93 22.69
C ALA A 265 -9.47 -9.18 22.30
N GLU A 266 -9.60 -9.61 21.05
CA GLU A 266 -8.80 -10.73 20.57
C GLU A 266 -7.32 -10.38 20.46
N ILE A 267 -7.01 -9.08 20.42
CA ILE A 267 -5.62 -8.69 20.57
C ILE A 267 -5.17 -8.86 22.02
N GLN A 268 -6.05 -8.55 22.97
CA GLN A 268 -5.75 -8.78 24.38
C GLN A 268 -5.50 -10.26 24.64
N LYS A 269 -6.38 -11.13 24.12
CA LYS A 269 -6.16 -12.57 24.28
C LYS A 269 -4.79 -12.97 23.74
N LEU A 270 -4.30 -12.25 22.74
CA LEU A 270 -2.94 -12.42 22.28
C LEU A 270 -1.95 -11.68 23.19
N LYS A 271 -2.27 -10.46 23.61
CA LYS A 271 -1.37 -9.71 24.48
C LYS A 271 -1.05 -10.52 25.74
N ASN A 272 -2.10 -10.89 26.49
CA ASN A 272 -1.91 -11.65 27.73
C ASN A 272 -1.28 -13.01 27.47
N LYS A 273 -1.58 -13.64 26.32
CA LYS A 273 -0.91 -14.88 25.97
C LYS A 273 0.61 -14.70 25.92
N VAL A 274 1.06 -13.54 25.42
CA VAL A 274 2.49 -13.24 25.43
C VAL A 274 2.95 -12.93 26.85
N LEU A 275 2.22 -12.05 27.55
CA LEU A 275 2.58 -11.73 28.94
C LEU A 275 2.64 -12.98 29.80
N ASN A 276 1.67 -13.90 29.63
CA ASN A 276 1.61 -15.13 30.41
C ASN A 276 2.76 -16.06 30.08
N LEU A 277 3.25 -16.03 28.85
CA LEU A 277 4.30 -16.97 28.46
C LEU A 277 5.63 -16.63 29.14
N ARG A 278 5.55 -15.97 30.29
CA ARG A 278 6.70 -15.53 31.07
C ARG A 278 7.64 -14.72 30.17
N GLY A 279 7.09 -13.61 29.68
CA GLY A 279 7.84 -12.59 29.02
C GLY A 279 8.26 -11.50 29.97
N SER A 280 8.58 -11.88 31.21
CA SER A 280 9.15 -10.96 32.20
C SER A 280 10.60 -10.64 31.87
N GLU A 281 11.43 -11.69 31.65
CA GLU A 281 12.89 -11.69 31.49
C GLU A 281 13.39 -10.38 30.86
N PRO A 282 13.30 -10.09 29.51
CA PRO A 282 13.27 -8.67 29.13
C PRO A 282 11.89 -8.14 28.77
N THR A 283 11.54 -6.96 29.30
CA THR A 283 10.25 -6.34 29.00
C THR A 283 10.16 -6.01 27.52
N ILE A 284 9.05 -6.45 26.91
CA ILE A 284 8.84 -6.31 25.47
C ILE A 284 7.75 -5.29 25.20
N ARG A 285 7.83 -4.64 24.05
CA ARG A 285 6.84 -3.66 23.62
C ARG A 285 5.71 -4.39 22.93
N VAL A 286 4.47 -4.19 23.40
CA VAL A 286 3.34 -5.01 23.01
C VAL A 286 2.26 -4.09 22.48
N THR A 287 2.21 -3.91 21.17
CA THR A 287 1.25 -3.02 20.53
C THR A 287 0.35 -3.82 19.60
N THR A 288 -0.72 -3.17 19.13
CA THR A 288 -1.66 -3.85 18.25
C THR A 288 -0.95 -4.32 16.99
N PHE A 289 0.00 -3.51 16.50
CA PHE A 289 0.78 -3.86 15.32
C PHE A 289 1.69 -5.05 15.59
N THR A 290 2.57 -4.92 16.58
CA THR A 290 3.49 -6.01 16.87
C THR A 290 2.74 -7.28 17.27
N MET A 291 1.60 -7.16 17.94
CA MET A 291 0.79 -8.35 18.20
C MET A 291 0.36 -9.00 16.90
N THR A 292 -0.37 -8.25 16.09
CA THR A 292 -0.98 -8.78 14.89
C THR A 292 0.02 -9.43 13.97
N CYS A 293 1.15 -8.77 13.71
CA CYS A 293 2.22 -9.43 12.97
C CYS A 293 2.76 -10.62 13.74
N GLY A 294 3.10 -10.42 15.01
CA GLY A 294 3.68 -11.50 15.79
C GLY A 294 2.90 -12.78 15.65
N TYR A 295 1.57 -12.69 15.84
CA TYR A 295 0.74 -13.87 15.71
C TYR A 295 0.67 -14.36 14.27
N VAL A 296 0.47 -13.45 13.32
CA VAL A 296 0.36 -13.85 11.91
C VAL A 296 1.64 -14.50 11.44
N TRP A 297 2.80 -13.84 11.71
CA TRP A 297 4.10 -14.41 11.35
C TRP A 297 4.27 -15.81 11.92
N THR A 298 3.87 -16.01 13.17
CA THR A 298 4.00 -17.31 13.81
C THR A 298 3.18 -18.36 13.07
N CYS A 299 1.93 -18.04 12.77
CA CYS A 299 1.10 -18.94 11.98
C CYS A 299 1.69 -19.13 10.60
N MET A 300 2.12 -18.03 9.97
CA MET A 300 2.69 -18.13 8.63
C MET A 300 3.89 -19.08 8.59
N VAL A 301 4.73 -19.06 9.64
CA VAL A 301 5.91 -19.94 9.66
C VAL A 301 5.49 -21.38 9.79
N LYS A 302 4.50 -21.65 10.65
CA LYS A 302 4.06 -23.03 10.90
C LYS A 302 3.38 -23.63 9.67
N SER A 303 2.54 -22.85 9.00
CA SER A 303 1.90 -23.32 7.78
C SER A 303 2.90 -23.95 6.81
N LYS A 304 4.06 -23.33 6.63
CA LYS A 304 5.06 -23.90 5.74
C LYS A 304 5.41 -25.33 6.13
N ASP A 305 5.59 -25.60 7.43
CA ASP A 305 5.97 -26.94 7.86
C ASP A 305 4.89 -27.97 7.52
N ASP A 306 3.63 -27.65 7.81
CA ASP A 306 2.54 -28.59 7.56
C ASP A 306 2.39 -28.93 6.09
N VAL A 307 3.07 -28.20 5.21
CA VAL A 307 3.05 -28.51 3.79
C VAL A 307 4.29 -29.29 3.33
N VAL A 308 5.41 -29.22 4.05
CA VAL A 308 6.59 -30.04 3.74
C VAL A 308 7.08 -29.79 2.31
N GLU A 316 16.56 -27.82 8.48
CA GLU A 316 16.09 -26.45 8.65
C GLU A 316 16.71 -25.76 9.87
N ASN A 317 15.88 -25.16 10.72
CA ASN A 317 16.36 -24.36 11.87
C ASN A 317 17.27 -23.21 11.42
N GLU A 318 16.88 -22.56 10.31
CA GLU A 318 17.51 -21.36 9.78
C GLU A 318 16.78 -20.14 10.37
N LEU A 319 16.93 -18.96 9.75
CA LEU A 319 16.31 -17.76 10.29
C LEU A 319 15.15 -17.35 9.42
N GLU A 320 14.03 -17.00 10.04
CA GLU A 320 12.89 -16.41 9.36
C GLU A 320 12.95 -14.90 9.53
N TYR A 321 12.64 -14.17 8.46
CA TYR A 321 12.69 -12.73 8.44
C TYR A 321 11.28 -12.18 8.22
N PHE A 322 11.00 -11.05 8.85
CA PHE A 322 9.72 -10.37 8.65
C PHE A 322 9.99 -8.88 8.49
N SER A 323 9.89 -8.37 7.28
CA SER A 323 10.19 -6.97 7.00
C SER A 323 8.89 -6.18 6.98
N PHE A 324 8.96 -4.94 7.48
CA PHE A 324 7.86 -4.00 7.45
C PHE A 324 8.42 -2.61 7.25
N THR A 325 7.53 -1.64 6.99
CA THR A 325 7.93 -0.25 6.85
C THR A 325 7.44 0.53 8.07
N ALA A 326 8.02 1.70 8.28
CA ALA A 326 7.63 2.58 9.37
C ALA A 326 7.74 4.03 8.91
N ASP A 327 6.79 4.85 9.35
CA ASP A 327 6.64 6.23 8.87
C ASP A 327 7.59 7.15 9.64
N CYS A 328 8.62 7.64 8.96
CA CYS A 328 9.62 8.47 9.63
C CYS A 328 9.20 9.92 9.78
N ARG A 329 8.15 10.36 9.08
CA ARG A 329 7.67 11.74 9.06
C ARG A 329 7.73 12.41 10.43
N GLY A 330 7.44 11.65 11.48
CA GLY A 330 7.44 12.19 12.83
C GLY A 330 8.80 12.26 13.48
N LEU A 331 9.79 11.54 12.95
CA LEU A 331 11.14 11.45 13.53
C LEU A 331 12.18 12.28 12.81
N LEU A 332 11.84 12.85 11.67
CA LEU A 332 12.85 13.50 10.86
C LEU A 332 13.27 14.81 11.52
N THR A 333 14.32 15.40 10.95
CA THR A 333 14.80 16.72 11.35
C THR A 333 15.36 17.41 10.11
N PRO A 334 14.89 18.62 9.77
CA PRO A 334 13.84 19.45 10.39
C PRO A 334 12.49 18.72 10.60
N PRO A 335 11.59 19.32 11.38
CA PRO A 335 10.23 18.78 11.47
C PRO A 335 9.60 18.66 10.09
N CYS A 336 9.09 17.47 9.80
CA CYS A 336 8.45 17.17 8.54
C CYS A 336 6.95 17.09 8.76
N PRO A 337 6.13 17.70 7.92
CA PRO A 337 4.70 17.80 8.20
C PRO A 337 4.06 16.43 8.29
N PRO A 338 3.07 16.22 9.15
CA PRO A 338 2.34 14.95 9.12
C PRO A 338 1.70 14.68 7.76
N ASN A 339 1.21 15.72 7.10
CA ASN A 339 0.56 15.61 5.79
C ASN A 339 1.55 15.68 4.64
N TYR A 340 2.85 15.63 4.89
CA TYR A 340 3.80 15.54 3.78
C TYR A 340 3.46 14.37 2.88
N PHE A 341 3.33 14.68 1.59
CA PHE A 341 2.93 13.69 0.59
C PHE A 341 4.16 13.09 -0.09
N GLY A 342 4.21 11.78 -0.09
CA GLY A 342 5.27 11.02 -0.72
C GLY A 342 5.68 9.86 0.14
N ASN A 343 6.76 9.19 -0.27
CA ASN A 343 7.36 8.16 0.55
C ASN A 343 8.13 8.80 1.70
N CYS A 344 8.09 8.16 2.87
CA CYS A 344 8.79 8.63 4.07
C CYS A 344 8.87 7.50 5.09
N LEU A 345 9.46 6.39 4.66
CA LEU A 345 9.36 5.10 5.33
C LEU A 345 10.74 4.62 5.76
N ALA A 346 10.74 3.69 6.70
CA ALA A 346 11.97 3.05 7.17
C ALA A 346 11.86 1.54 7.07
N SER A 347 12.94 0.92 6.62
CA SER A 347 13.01 -0.53 6.50
C SER A 347 13.34 -1.14 7.87
N CYS A 348 12.47 -2.05 8.32
CA CYS A 348 12.70 -2.81 9.52
C CYS A 348 12.58 -4.28 9.18
N VAL A 349 13.51 -5.08 9.69
CA VAL A 349 13.57 -6.50 9.42
C VAL A 349 13.74 -7.22 10.73
N ALA A 350 12.68 -7.87 11.19
CA ALA A 350 12.80 -8.78 12.30
C ALA A 350 13.41 -10.10 11.83
N LYS A 351 14.23 -10.71 12.70
CA LYS A 351 14.78 -12.04 12.50
C LYS A 351 14.49 -12.91 13.72
N ALA A 352 14.29 -14.20 13.49
CA ALA A 352 14.05 -15.15 14.56
C ALA A 352 14.25 -16.56 14.04
N THR A 353 14.53 -17.49 14.95
CA THR A 353 14.81 -18.87 14.58
C THR A 353 13.54 -19.60 14.21
N HIS A 354 13.62 -20.39 13.14
CA HIS A 354 12.51 -21.27 12.78
C HIS A 354 12.12 -22.15 13.95
N LYS A 355 13.10 -22.84 14.55
CA LYS A 355 12.85 -23.71 15.69
C LYS A 355 12.10 -22.96 16.80
N GLU A 356 12.47 -21.71 17.06
CA GLU A 356 11.83 -20.93 18.12
C GLU A 356 10.44 -20.44 17.73
N LEU A 357 10.26 -20.02 16.48
CA LEU A 357 8.98 -19.43 16.09
C LEU A 357 7.89 -20.49 16.00
N VAL A 358 8.26 -21.75 15.77
CA VAL A 358 7.29 -22.83 15.74
C VAL A 358 7.13 -23.49 17.10
N GLY A 359 8.05 -23.25 18.03
CA GLY A 359 7.98 -23.88 19.32
C GLY A 359 6.93 -23.33 20.27
N ASP A 360 7.13 -23.60 21.57
CA ASP A 360 6.16 -23.25 22.61
C ASP A 360 6.05 -21.76 22.85
N LYS A 361 7.12 -21.01 22.57
CA LYS A 361 7.15 -19.56 22.79
C LYS A 361 7.14 -18.79 21.49
N GLY A 362 6.72 -19.43 20.40
CA GLY A 362 6.69 -18.83 19.08
C GLY A 362 6.07 -17.45 19.02
N LEU A 363 4.83 -17.32 19.48
CA LEU A 363 4.23 -15.99 19.56
C LEU A 363 5.11 -15.02 20.37
N LEU A 364 5.60 -15.46 21.54
CA LEU A 364 6.48 -14.62 22.37
C LEU A 364 7.80 -14.30 21.66
N VAL A 365 8.36 -15.27 20.94
CA VAL A 365 9.59 -15.01 20.19
C VAL A 365 9.33 -14.00 19.08
N ALA A 366 8.21 -14.17 18.34
CA ALA A 366 7.91 -13.29 17.22
C ALA A 366 7.72 -11.85 17.69
N VAL A 367 6.86 -11.64 18.69
CA VAL A 367 6.60 -10.28 19.15
C VAL A 367 7.87 -9.62 19.67
N ALA A 368 8.69 -10.39 20.40
CA ALA A 368 9.97 -9.86 20.85
C ALA A 368 10.84 -9.49 19.68
N ALA A 369 10.80 -10.30 18.61
CA ALA A 369 11.67 -10.06 17.46
C ALA A 369 11.25 -8.81 16.71
N ILE A 370 9.95 -8.63 16.54
CA ILE A 370 9.43 -7.48 15.80
C ILE A 370 9.68 -6.21 16.57
N GLY A 371 9.52 -6.23 17.88
CA GLY A 371 9.80 -5.05 18.66
C GLY A 371 11.29 -4.75 18.70
N GLU A 372 12.12 -5.79 18.77
CA GLU A 372 13.56 -5.60 18.77
C GLU A 372 14.05 -5.05 17.43
N ALA A 373 13.24 -5.13 16.38
CA ALA A 373 13.64 -4.57 15.11
C ALA A 373 13.31 -3.09 15.03
N ILE A 374 12.23 -2.66 15.70
CA ILE A 374 11.89 -1.25 15.66
C ILE A 374 12.83 -0.44 16.55
N GLU A 375 13.21 -1.00 17.70
CA GLU A 375 14.06 -0.28 18.65
C GLU A 375 15.44 -0.02 18.05
N LYS A 376 15.98 -0.97 17.29
CA LYS A 376 17.28 -0.74 16.67
C LYS A 376 17.19 0.19 15.47
N ARG A 377 16.05 0.17 14.75
CA ARG A 377 15.84 1.03 13.58
C ARG A 377 15.13 2.33 13.92
N LEU A 378 13.80 2.26 14.06
CA LEU A 378 13.00 3.44 14.32
C LEU A 378 13.44 4.10 15.62
N HIS A 379 13.33 3.39 16.74
CA HIS A 379 13.71 3.91 18.04
C HIS A 379 15.22 3.92 18.28
N ASN A 380 16.02 3.71 17.22
CA ASN A 380 17.46 3.94 17.27
C ASN A 380 17.74 5.26 17.96
N GLU A 381 18.22 5.22 19.20
CA GLU A 381 18.48 6.45 19.93
C GLU A 381 19.71 7.19 19.40
N LYS A 382 19.96 7.10 18.09
CA LYS A 382 20.97 7.91 17.40
C LYS A 382 20.40 8.60 16.16
N GLY A 383 19.14 8.39 15.85
CA GLY A 383 18.42 8.93 14.71
C GLY A 383 17.93 7.81 13.81
N VAL A 384 16.87 8.09 13.06
CA VAL A 384 16.32 7.09 12.15
C VAL A 384 17.33 6.76 11.07
N LEU A 385 17.86 7.79 10.41
CA LEU A 385 18.77 7.62 9.28
C LEU A 385 20.16 7.24 9.72
N ALA A 386 20.36 7.09 11.03
CA ALA A 386 21.68 6.80 11.61
C ALA A 386 22.33 5.59 10.94
N ASP A 387 21.54 4.53 10.73
CA ASP A 387 21.99 3.34 10.04
C ASP A 387 21.37 3.20 8.65
N ALA A 388 20.89 4.30 8.06
CA ALA A 388 20.06 4.18 6.87
C ALA A 388 20.86 3.79 5.65
N LYS A 389 22.17 4.01 5.64
CA LYS A 389 23.00 3.53 4.53
C LYS A 389 22.98 2.02 4.38
N THR A 390 22.18 1.31 5.18
CA THR A 390 22.12 -0.15 5.22
C THR A 390 20.75 -0.70 4.88
N TRP A 391 19.70 0.13 4.97
CA TRP A 391 18.35 -0.30 4.64
C TRP A 391 18.33 -1.11 3.35
N LEU A 392 18.98 -0.59 2.30
CA LEU A 392 18.90 -1.25 1.00
C LEU A 392 19.72 -2.52 0.94
N SER A 393 20.63 -2.73 1.89
CA SER A 393 21.51 -3.88 1.86
C SER A 393 21.17 -4.92 2.91
N GLU A 394 20.17 -4.68 3.75
CA GLU A 394 19.61 -5.77 4.54
C GLU A 394 18.53 -6.52 3.75
N SER A 395 17.59 -5.79 3.14
CA SER A 395 16.53 -6.40 2.35
C SER A 395 17.02 -7.51 1.42
N ASN A 396 18.04 -7.25 0.60
CA ASN A 396 18.51 -8.26 -0.37
C ASN A 396 19.12 -9.49 0.31
N GLY A 397 19.59 -9.35 1.55
CA GLY A 397 20.15 -10.46 2.30
C GLY A 397 19.08 -11.31 2.98
N ILE A 398 17.88 -11.29 2.45
CA ILE A 398 16.78 -12.13 2.93
C ILE A 398 16.54 -13.20 1.89
N PRO A 399 16.55 -14.49 2.25
CA PRO A 399 16.21 -15.51 1.26
C PRO A 399 14.73 -15.39 0.93
N SER A 400 14.40 -15.42 -0.36
CA SER A 400 13.00 -15.37 -0.75
C SER A 400 12.23 -16.54 -0.15
N LYS A 401 12.94 -17.58 0.29
CA LYS A 401 12.33 -18.78 0.88
C LYS A 401 11.89 -18.57 2.32
N ARG A 402 12.42 -17.54 3.01
CA ARG A 402 12.25 -17.34 4.45
C ARG A 402 11.66 -15.97 4.78
N PHE A 403 10.78 -15.43 3.93
CA PHE A 403 10.42 -14.03 3.96
C PHE A 403 8.93 -13.81 4.24
N LEU A 404 8.62 -12.78 5.03
CA LEU A 404 7.24 -12.30 5.13
C LEU A 404 7.23 -10.79 5.15
N GLY A 405 6.25 -10.19 4.49
CA GLY A 405 6.15 -8.75 4.43
C GLY A 405 4.76 -8.27 4.76
N ILE A 406 4.67 -7.01 5.15
CA ILE A 406 3.38 -6.45 5.49
C ILE A 406 3.32 -5.03 4.94
N THR A 407 2.27 -4.76 4.15
CA THR A 407 2.03 -3.45 3.58
C THR A 407 0.77 -2.86 4.21
N GLY A 408 0.77 -1.54 4.41
CA GLY A 408 -0.35 -0.88 5.06
C GLY A 408 -0.19 -0.80 6.57
N SER A 409 -1.16 -0.15 7.21
CA SER A 409 -1.07 0.08 8.64
C SER A 409 -2.45 0.36 9.20
N PRO A 410 -2.76 -0.09 10.41
CA PRO A 410 -4.04 0.30 11.04
C PRO A 410 -4.24 1.81 11.19
N LYS A 411 -3.20 2.63 10.98
CA LYS A 411 -3.37 4.07 11.21
C LYS A 411 -4.20 4.72 10.11
N PHE A 412 -4.19 4.13 8.93
CA PHE A 412 -4.76 4.77 7.76
C PHE A 412 -6.26 4.44 7.68
N ASP A 413 -7.03 5.46 7.31
CA ASP A 413 -8.49 5.42 7.42
C ASP A 413 -9.06 4.80 6.15
N SER A 414 -8.90 3.50 6.04
CA SER A 414 -9.22 2.86 4.77
C SER A 414 -10.73 2.76 4.55
N TYR A 415 -11.52 2.60 5.62
CA TYR A 415 -12.97 2.50 5.54
C TYR A 415 -13.68 3.85 5.72
N GLY A 416 -12.98 4.94 5.45
CA GLY A 416 -13.55 6.27 5.58
C GLY A 416 -13.64 6.90 4.22
N VAL A 417 -13.24 6.12 3.22
CA VAL A 417 -13.40 6.51 1.82
C VAL A 417 -14.87 6.38 1.45
N ASP A 418 -15.63 7.45 1.60
CA ASP A 418 -17.05 7.46 1.30
C ASP A 418 -17.34 8.55 0.26
N PHE A 419 -17.46 8.12 -1.00
CA PHE A 419 -17.83 8.97 -2.13
C PHE A 419 -19.26 9.44 -2.05
N GLY A 420 -20.01 9.05 -1.03
CA GLY A 420 -21.40 9.39 -0.92
C GLY A 420 -22.35 8.20 -1.01
N TRP A 421 -21.85 6.98 -0.85
CA TRP A 421 -22.69 5.79 -0.89
C TRP A 421 -22.58 4.99 0.39
N GLY A 422 -21.85 5.48 1.36
CA GLY A 422 -21.48 4.71 2.53
C GLY A 422 -20.02 4.30 2.50
N LYS A 423 -19.52 3.90 3.68
CA LYS A 423 -18.16 3.38 3.82
C LYS A 423 -18.01 2.18 2.88
N PRO A 424 -16.80 1.68 2.67
CA PRO A 424 -16.63 0.55 1.75
C PRO A 424 -17.08 -0.77 2.35
N ALA A 425 -17.51 -1.67 1.47
CA ALA A 425 -17.77 -3.04 1.91
C ALA A 425 -16.46 -3.75 2.24
N LYS A 426 -15.40 -3.47 1.49
CA LYS A 426 -14.12 -4.11 1.72
C LYS A 426 -13.05 -3.22 1.14
N PHE A 427 -11.86 -3.28 1.73
CA PHE A 427 -10.69 -2.60 1.19
C PHE A 427 -9.59 -3.64 1.01
N ASP A 428 -9.16 -3.84 -0.24
CA ASP A 428 -8.15 -4.85 -0.54
C ASP A 428 -6.92 -4.20 -1.17
N ILE A 429 -5.80 -4.24 -0.44
CA ILE A 429 -4.50 -3.88 -0.99
C ILE A 429 -4.08 -5.00 -1.92
N THR A 430 -4.60 -4.99 -3.14
CA THR A 430 -4.48 -6.12 -4.04
C THR A 430 -3.04 -6.41 -4.43
N SER A 431 -2.15 -5.44 -4.26
CA SER A 431 -0.78 -5.58 -4.74
C SER A 431 0.04 -6.56 -3.90
N VAL A 432 -0.56 -7.16 -2.86
CA VAL A 432 0.15 -8.14 -2.03
C VAL A 432 0.51 -9.39 -2.82
N ASP A 433 -0.35 -9.84 -3.74
CA ASP A 433 -0.10 -11.12 -4.37
C ASP A 433 1.24 -11.17 -5.08
N TYR A 434 1.83 -10.03 -5.37
CA TYR A 434 3.07 -10.04 -6.11
C TYR A 434 4.21 -10.50 -5.28
N ALA A 435 4.01 -11.09 -4.09
CA ALA A 435 5.08 -11.36 -3.15
C ALA A 435 4.47 -12.05 -1.93
N GLU A 436 5.35 -12.59 -1.09
CA GLU A 436 4.92 -13.23 0.16
C GLU A 436 4.59 -12.12 1.16
N LEU A 437 3.42 -11.52 0.97
CA LEU A 437 3.01 -10.37 1.77
C LEU A 437 1.68 -10.61 2.45
N ILE A 438 1.46 -9.88 3.54
CA ILE A 438 0.14 -9.73 4.13
C ILE A 438 -0.10 -8.25 4.26
N TYR A 439 -1.36 -7.84 4.31
CA TYR A 439 -1.64 -6.45 4.65
C TYR A 439 -2.54 -6.38 5.87
N VAL A 440 -2.34 -5.35 6.70
CA VAL A 440 -3.13 -5.15 7.90
C VAL A 440 -3.78 -3.77 7.86
N ILE A 441 -5.11 -3.74 8.00
CA ILE A 441 -5.94 -2.57 7.72
C ILE A 441 -6.87 -2.33 8.90
N GLN A 442 -7.17 -1.06 9.17
CA GLN A 442 -8.21 -0.73 10.15
C GLN A 442 -9.44 -1.57 9.91
N SER A 443 -9.93 -2.24 10.95
CA SER A 443 -11.12 -3.05 10.76
C SER A 443 -12.31 -2.14 10.49
N ARG A 444 -13.24 -2.65 9.66
CA ARG A 444 -14.41 -1.88 9.28
C ARG A 444 -15.46 -1.89 10.39
N ASP A 445 -15.75 -3.09 10.92
CA ASP A 445 -16.83 -3.26 11.85
C ASP A 445 -16.42 -3.20 13.32
N PHE A 446 -15.12 -3.24 13.64
CA PHE A 446 -14.67 -3.15 15.03
C PHE A 446 -13.74 -1.97 15.20
N GLU A 447 -13.90 -1.26 16.32
CA GLU A 447 -13.38 0.11 16.44
C GLU A 447 -11.85 0.13 16.35
N LYS A 448 -11.17 -0.57 17.26
CA LYS A 448 -9.71 -0.61 17.25
C LYS A 448 -9.19 -1.93 16.74
N GLY A 449 -10.00 -2.68 15.98
CA GLY A 449 -9.62 -3.94 15.41
C GLY A 449 -8.74 -3.78 14.18
N VAL A 450 -8.48 -4.92 13.53
CA VAL A 450 -7.64 -4.97 12.33
C VAL A 450 -8.19 -6.05 11.40
N GLU A 451 -8.17 -5.77 10.09
CA GLU A 451 -8.43 -6.77 9.07
C GLU A 451 -7.12 -7.16 8.43
N ILE A 452 -6.82 -8.45 8.44
CA ILE A 452 -5.55 -8.98 7.95
C ILE A 452 -5.84 -9.67 6.63
N GLY A 453 -5.28 -9.13 5.55
CA GLY A 453 -5.43 -9.71 4.24
C GLY A 453 -4.25 -10.62 3.95
N VAL A 454 -4.56 -11.89 3.75
CA VAL A 454 -3.55 -12.93 3.54
C VAL A 454 -3.69 -13.43 2.10
N SER A 455 -2.56 -13.80 1.51
CA SER A 455 -2.57 -14.34 0.15
C SER A 455 -1.60 -15.51 0.07
N LEU A 456 -2.11 -16.66 -0.37
CA LEU A 456 -1.39 -17.93 -0.38
C LEU A 456 -2.10 -18.86 -1.35
N PRO A 457 -1.39 -19.84 -1.90
CA PRO A 457 -2.07 -20.90 -2.65
C PRO A 457 -3.03 -21.64 -1.73
N LYS A 458 -4.08 -22.25 -2.31
CA LYS A 458 -5.19 -22.69 -1.46
C LYS A 458 -4.75 -23.78 -0.51
N ILE A 459 -3.95 -24.74 -0.99
CA ILE A 459 -3.48 -25.79 -0.10
C ILE A 459 -2.73 -25.17 1.08
N HIS A 460 -1.76 -24.29 0.78
CA HIS A 460 -1.12 -23.53 1.84
C HIS A 460 -2.15 -22.79 2.69
N MET A 461 -3.01 -22.00 2.05
CA MET A 461 -3.94 -21.13 2.79
C MET A 461 -4.78 -21.90 3.80
N ASP A 462 -5.21 -23.11 3.44
CA ASP A 462 -5.96 -23.91 4.40
C ASP A 462 -5.12 -24.15 5.65
N ALA A 463 -3.83 -24.47 5.48
CA ALA A 463 -2.92 -24.67 6.59
C ALA A 463 -2.90 -23.45 7.51
N PHE A 464 -2.74 -22.26 6.93
CA PHE A 464 -2.69 -21.03 7.71
C PHE A 464 -3.92 -20.90 8.60
N ALA A 465 -5.10 -20.83 7.99
CA ALA A 465 -6.31 -20.55 8.74
C ALA A 465 -6.50 -21.54 9.88
N LYS A 466 -6.13 -22.80 9.66
CA LYS A 466 -6.28 -23.82 10.70
C LYS A 466 -5.53 -23.40 11.96
N ILE A 467 -4.23 -23.16 11.81
CA ILE A 467 -3.38 -22.66 12.89
C ILE A 467 -3.81 -21.26 13.36
N PHE A 468 -4.36 -20.44 12.47
CA PHE A 468 -4.90 -19.15 12.89
C PHE A 468 -6.09 -19.34 13.83
N GLU A 469 -7.04 -20.21 13.48
CA GLU A 469 -8.18 -20.44 14.35
C GLU A 469 -7.76 -21.05 15.68
N GLU A 470 -6.76 -21.94 15.66
CA GLU A 470 -6.40 -22.68 16.88
C GLU A 470 -5.77 -21.79 17.94
N GLY A 471 -5.08 -20.74 17.54
CA GLY A 471 -4.43 -19.83 18.49
C GLY A 471 -5.37 -19.14 19.47
N PHE A 472 -6.66 -19.43 19.44
CA PHE A 472 -7.58 -18.90 20.44
C PHE A 472 -8.35 -20.08 21.01
#